data_2GIY
#
_entry.id   2GIY
#
_cell.length_a   45.681
_cell.length_b   91.242
_cell.length_c   47.409
_cell.angle_alpha   90.00
_cell.angle_beta   117.64
_cell.angle_gamma   90.00
#
_symmetry.space_group_name_H-M   'P 1 21 1'
#
loop_
_entity.id
_entity.type
_entity.pdbx_description
1 polymer 'Glycoprotein E'
2 water water
#
_entity_poly.entity_id   1
_entity_poly.type   'polypeptide(L)'
_entity_poly.pdbx_seq_one_letter_code
;GAPEVSHVRGVTVRMETPEAILFSPGETFSTNVSIHAIAHDDQTYSMDVVWLRFDVPTSCAEMRIYESCLYHPQLPECLS
PADAPCAASTWTSRLAVRSYAGCSRTNPPPRCSAEAHMEPVPGLAWQAASVNLEFRDASPQHSGLYLCVVYVNDHIHAWG
HITISTAAQYRNAVVEQPLDIEGRGHHHHHH
;
_entity_poly.pdbx_strand_id   A,B
#
# COMPACT_ATOMS: atom_id res chain seq x y z
N HIS A 7 3.42 20.04 -5.26
CA HIS A 7 3.36 19.50 -6.66
C HIS A 7 3.72 18.02 -6.66
N VAL A 8 3.72 17.42 -7.85
CA VAL A 8 4.05 16.00 -8.00
C VAL A 8 5.57 15.84 -8.08
N ARG A 9 6.16 15.29 -7.02
CA ARG A 9 7.61 15.09 -6.98
C ARG A 9 8.00 13.91 -6.11
N GLY A 10 9.30 13.64 -6.04
CA GLY A 10 9.78 12.54 -5.24
C GLY A 10 9.57 11.19 -5.88
N VAL A 11 9.54 10.14 -5.06
CA VAL A 11 9.36 8.78 -5.53
C VAL A 11 8.20 8.10 -4.83
N THR A 12 7.46 7.29 -5.58
CA THR A 12 6.34 6.54 -5.01
C THR A 12 6.67 5.06 -5.09
N VAL A 13 6.54 4.36 -3.96
CA VAL A 13 6.83 2.94 -3.93
C VAL A 13 5.59 2.19 -3.49
N ARG A 14 5.21 1.17 -4.25
CA ARG A 14 4.03 0.36 -3.94
C ARG A 14 4.51 -1.08 -3.76
N MET A 15 4.05 -1.73 -2.70
CA MET A 15 4.43 -3.11 -2.41
C MET A 15 3.20 -4.00 -2.26
N GLU A 16 3.31 -5.23 -2.75
CA GLU A 16 2.22 -6.20 -2.66
C GLU A 16 2.78 -7.58 -2.32
N THR A 17 2.13 -8.27 -1.40
CA THR A 17 2.54 -9.61 -1.00
C THR A 17 1.54 -10.24 -0.06
N PRO A 18 1.40 -11.58 -0.12
CA PRO A 18 0.47 -12.26 0.78
C PRO A 18 1.01 -12.03 2.20
N GLU A 19 0.13 -12.03 3.19
CA GLU A 19 0.57 -11.80 4.57
C GLU A 19 1.13 -13.05 5.25
N ALA A 20 1.04 -14.20 4.60
CA ALA A 20 1.54 -15.42 5.20
C ALA A 20 1.92 -16.52 4.22
N ILE A 21 2.93 -17.29 4.60
CA ILE A 21 3.39 -18.42 3.82
C ILE A 21 3.55 -19.57 4.79
N LEU A 22 2.70 -20.58 4.67
CA LEU A 22 2.77 -21.74 5.54
C LEU A 22 3.59 -22.79 4.81
N PHE A 23 4.59 -23.36 5.47
CA PHE A 23 5.42 -24.38 4.85
C PHE A 23 5.58 -25.60 5.74
N SER A 24 5.90 -26.73 5.12
CA SER A 24 6.13 -27.97 5.85
C SER A 24 7.63 -28.21 5.75
N PRO A 25 8.25 -28.72 6.82
CA PRO A 25 9.70 -28.98 6.84
C PRO A 25 10.18 -29.79 5.64
N GLY A 26 11.26 -29.32 5.02
CA GLY A 26 11.80 -30.00 3.87
C GLY A 26 11.43 -29.38 2.53
N GLU A 27 10.43 -28.52 2.53
CA GLU A 27 9.99 -27.87 1.31
C GLU A 27 10.94 -26.75 0.90
N THR A 28 10.90 -26.41 -0.38
CA THR A 28 11.72 -25.33 -0.92
C THR A 28 10.71 -24.36 -1.50
N PHE A 29 10.82 -23.09 -1.14
CA PHE A 29 9.90 -22.09 -1.64
C PHE A 29 10.53 -20.72 -1.63
N SER A 30 9.82 -19.77 -2.22
CA SER A 30 10.29 -18.39 -2.28
C SER A 30 9.17 -17.43 -1.93
N THR A 31 9.52 -16.25 -1.45
CA THR A 31 8.52 -15.25 -1.14
C THR A 31 8.12 -14.74 -2.52
N ASN A 32 7.02 -14.00 -2.58
CA ASN A 32 6.54 -13.48 -3.84
C ASN A 32 6.08 -12.03 -3.66
N VAL A 33 7.03 -11.18 -3.30
CA VAL A 33 6.77 -9.77 -3.08
C VAL A 33 6.90 -9.02 -4.39
N SER A 34 5.99 -8.08 -4.63
CA SER A 34 6.03 -7.27 -5.84
C SER A 34 6.25 -5.83 -5.39
N ILE A 35 7.25 -5.19 -5.97
CA ILE A 35 7.58 -3.81 -5.61
C ILE A 35 7.76 -2.96 -6.86
N HIS A 36 7.03 -1.86 -6.93
CA HIS A 36 7.11 -0.95 -8.06
C HIS A 36 7.53 0.42 -7.55
N ALA A 37 8.41 1.07 -8.30
CA ALA A 37 8.87 2.40 -7.93
C ALA A 37 8.59 3.34 -9.09
N ILE A 38 8.05 4.52 -8.79
CA ILE A 38 7.75 5.50 -9.81
C ILE A 38 8.41 6.82 -9.42
N ALA A 39 9.40 7.26 -10.20
CA ALA A 39 10.07 8.53 -9.93
C ALA A 39 9.28 9.61 -10.65
N HIS A 40 8.79 10.60 -9.91
CA HIS A 40 7.98 11.67 -10.48
C HIS A 40 8.77 12.85 -11.03
N ASP A 41 10.07 12.88 -10.75
CA ASP A 41 10.93 13.95 -11.24
C ASP A 41 12.25 13.33 -11.70
N ASP A 42 13.24 14.17 -11.99
CA ASP A 42 14.53 13.67 -12.45
C ASP A 42 15.62 13.74 -11.39
N GLN A 43 15.22 13.83 -10.12
CA GLN A 43 16.18 13.89 -9.04
C GLN A 43 16.78 12.50 -8.82
N THR A 44 18.04 12.48 -8.41
CA THR A 44 18.74 11.21 -8.16
C THR A 44 18.41 10.74 -6.75
N TYR A 45 18.22 9.44 -6.59
CA TYR A 45 17.90 8.91 -5.26
C TYR A 45 18.59 7.58 -5.01
N SER A 46 18.62 7.19 -3.74
CA SER A 46 19.19 5.91 -3.35
C SER A 46 18.02 5.08 -2.87
N MET A 47 18.16 3.76 -2.89
CA MET A 47 17.08 2.89 -2.43
C MET A 47 17.65 1.68 -1.72
N ASP A 48 16.94 1.22 -0.69
CA ASP A 48 17.36 0.05 0.05
C ASP A 48 16.15 -0.84 0.31
N VAL A 49 16.24 -2.11 -0.09
CA VAL A 49 15.15 -3.05 0.16
C VAL A 49 15.69 -3.88 1.31
N VAL A 50 15.07 -3.73 2.47
CA VAL A 50 15.51 -4.40 3.67
C VAL A 50 14.58 -5.47 4.20
N TRP A 51 15.15 -6.62 4.55
CA TRP A 51 14.38 -7.71 5.12
C TRP A 51 14.72 -7.79 6.60
N LEU A 52 13.68 -7.82 7.43
CA LEU A 52 13.86 -7.92 8.87
C LEU A 52 13.18 -9.21 9.31
N ARG A 53 13.77 -9.89 10.28
CA ARG A 53 13.24 -11.16 10.79
C ARG A 53 12.99 -11.02 12.30
N PHE A 54 11.81 -11.45 12.74
CA PHE A 54 11.48 -11.36 14.16
C PHE A 54 11.11 -12.71 14.76
N ASP A 55 11.69 -12.99 15.92
CA ASP A 55 11.42 -14.23 16.63
C ASP A 55 9.97 -14.22 17.08
N VAL A 56 9.30 -15.37 16.97
CA VAL A 56 7.91 -15.50 17.38
C VAL A 56 7.84 -16.57 18.47
N PRO A 57 7.87 -16.15 19.74
CA PRO A 57 7.81 -17.11 20.86
C PRO A 57 6.57 -17.98 20.82
N THR A 58 6.73 -19.22 21.25
CA THR A 58 5.66 -20.20 21.30
C THR A 58 4.52 -19.70 22.21
N SER A 59 4.88 -18.98 23.26
CA SER A 59 3.90 -18.48 24.21
C SER A 59 3.18 -17.20 23.79
N CYS A 60 3.51 -16.66 22.62
CA CYS A 60 2.83 -15.46 22.13
C CYS A 60 1.52 -15.87 21.49
N ALA A 61 0.45 -15.16 21.83
CA ALA A 61 -0.86 -15.44 21.26
C ALA A 61 -0.85 -14.87 19.84
N GLU A 62 -0.18 -13.75 19.68
CA GLU A 62 -0.07 -13.09 18.39
C GLU A 62 1.09 -12.13 18.41
N MET A 63 1.59 -11.78 17.23
CA MET A 63 2.68 -10.84 17.10
C MET A 63 2.06 -9.48 16.83
N ARG A 64 2.65 -8.43 17.37
CA ARG A 64 2.14 -7.10 17.16
C ARG A 64 3.20 -6.22 16.50
N ILE A 65 2.86 -5.65 15.36
CA ILE A 65 3.76 -4.79 14.61
C ILE A 65 3.42 -3.32 14.93
N TYR A 66 4.38 -2.61 15.51
CA TYR A 66 4.18 -1.20 15.85
C TYR A 66 4.53 -0.38 14.60
N GLU A 67 3.56 -0.13 13.74
CA GLU A 67 3.81 0.60 12.50
C GLU A 67 4.55 1.94 12.64
N SER A 68 4.11 2.79 13.55
CA SER A 68 4.75 4.09 13.73
C SER A 68 6.22 3.93 14.12
N CYS A 69 6.51 2.88 14.87
CA CYS A 69 7.88 2.60 15.31
C CYS A 69 8.85 2.29 14.18
N LEU A 70 8.34 1.71 13.10
CA LEU A 70 9.19 1.37 11.97
C LEU A 70 9.90 2.62 11.46
N TYR A 71 9.24 3.77 11.55
CA TYR A 71 9.81 5.02 11.07
C TYR A 71 10.80 5.67 12.04
N HIS A 72 10.72 5.31 13.32
CA HIS A 72 11.62 5.84 14.34
C HIS A 72 11.88 4.75 15.37
N PRO A 73 12.57 3.68 14.96
CA PRO A 73 12.92 2.52 15.79
C PRO A 73 13.84 2.81 16.97
N GLN A 74 14.29 4.05 17.09
CA GLN A 74 15.17 4.44 18.18
C GLN A 74 14.47 5.19 19.31
N LEU A 75 13.16 5.37 19.18
CA LEU A 75 12.42 6.05 20.24
C LEU A 75 12.33 5.09 21.42
N PRO A 76 12.33 5.61 22.66
CA PRO A 76 12.26 4.78 23.86
C PRO A 76 11.17 3.71 23.83
N GLU A 77 9.94 4.11 23.50
CA GLU A 77 8.83 3.17 23.48
C GLU A 77 8.95 2.13 22.37
N CYS A 78 9.84 2.39 21.42
CA CYS A 78 10.03 1.45 20.32
C CYS A 78 11.17 0.50 20.64
N LEU A 79 12.17 1.00 21.36
CA LEU A 79 13.32 0.18 21.75
C LEU A 79 12.89 -0.82 22.82
N SER A 80 11.94 -0.42 23.65
CA SER A 80 11.45 -1.28 24.72
C SER A 80 9.94 -1.43 24.58
N PRO A 81 9.49 -2.19 23.56
CA PRO A 81 8.06 -2.40 23.32
C PRO A 81 7.30 -3.01 24.49
N ALA A 82 6.16 -2.40 24.81
CA ALA A 82 5.35 -2.86 25.92
C ALA A 82 4.85 -4.29 25.75
N ASP A 83 4.68 -4.73 24.51
CA ASP A 83 4.15 -6.08 24.30
C ASP A 83 5.05 -7.30 24.44
N ALA A 84 5.60 -7.47 25.64
CA ALA A 84 6.46 -8.61 25.97
C ALA A 84 7.37 -8.92 24.79
N PRO A 85 7.70 -10.21 24.54
CA PRO A 85 8.56 -10.48 23.40
C PRO A 85 7.76 -10.77 22.12
N CYS A 86 6.53 -10.28 22.08
CA CYS A 86 5.64 -10.50 20.94
C CYS A 86 5.44 -9.26 20.09
N ALA A 87 6.46 -8.39 20.05
CA ALA A 87 6.33 -7.16 19.29
C ALA A 87 7.46 -6.95 18.28
N ALA A 88 7.11 -6.38 17.14
CA ALA A 88 8.08 -6.03 16.10
C ALA A 88 8.03 -4.51 16.09
N SER A 89 9.03 -3.87 16.68
CA SER A 89 9.05 -2.42 16.78
C SER A 89 10.43 -1.80 16.64
N THR A 90 11.46 -2.64 16.63
CA THR A 90 12.82 -2.14 16.50
C THR A 90 13.69 -3.30 16.07
N TRP A 91 14.93 -3.01 15.68
CA TRP A 91 15.82 -4.07 15.25
C TRP A 91 17.28 -3.66 15.34
N THR A 92 18.15 -4.65 15.28
CA THR A 92 19.58 -4.40 15.30
C THR A 92 20.11 -4.98 13.99
N SER A 93 20.25 -6.30 13.95
CA SER A 93 20.72 -6.98 12.75
C SER A 93 19.62 -6.96 11.67
N ARG A 94 20.03 -6.81 10.42
CA ARG A 94 19.10 -6.83 9.30
C ARG A 94 19.38 -8.13 8.57
N LEU A 95 18.34 -8.93 8.35
CA LEU A 95 18.48 -10.23 7.68
C LEU A 95 19.12 -10.13 6.30
N ALA A 96 18.66 -9.15 5.52
CA ALA A 96 19.19 -8.97 4.19
C ALA A 96 18.91 -7.55 3.71
N VAL A 97 19.77 -7.04 2.84
CA VAL A 97 19.61 -5.70 2.30
C VAL A 97 20.14 -5.65 0.87
N ARG A 98 19.31 -5.15 -0.04
CA ARG A 98 19.75 -4.99 -1.42
C ARG A 98 19.72 -3.47 -1.60
N SER A 99 20.88 -2.91 -1.95
CA SER A 99 21.00 -1.46 -2.10
C SER A 99 21.15 -1.01 -3.54
N TYR A 100 20.64 0.19 -3.80
CA TYR A 100 20.67 0.78 -5.14
C TYR A 100 21.20 2.21 -4.98
N ALA A 101 22.02 2.65 -5.93
CA ALA A 101 22.57 4.01 -5.84
C ALA A 101 22.58 4.68 -7.21
N GLY A 102 22.44 5.99 -7.20
CA GLY A 102 22.44 6.76 -8.45
C GLY A 102 21.18 6.48 -9.27
N CYS A 103 20.10 6.14 -8.58
CA CYS A 103 18.84 5.84 -9.26
C CYS A 103 18.14 7.10 -9.73
N SER A 104 17.32 6.97 -10.76
CA SER A 104 16.55 8.09 -11.29
C SER A 104 15.50 7.58 -12.25
N ARG A 105 14.64 8.48 -12.70
CA ARG A 105 13.57 8.13 -13.63
C ARG A 105 14.15 7.44 -14.86
N THR A 106 15.30 7.92 -15.33
CA THR A 106 15.93 7.36 -16.52
C THR A 106 16.97 6.26 -16.23
N ASN A 107 17.32 6.08 -14.95
CA ASN A 107 18.25 5.03 -14.54
C ASN A 107 17.52 4.34 -13.37
N PRO A 108 16.38 3.69 -13.67
CA PRO A 108 15.52 2.99 -12.72
C PRO A 108 16.15 1.77 -12.06
N PRO A 109 15.84 1.55 -10.77
CA PRO A 109 16.29 0.49 -9.87
C PRO A 109 17.01 -0.73 -10.40
N PRO A 110 16.33 -1.58 -11.18
CA PRO A 110 17.16 -2.70 -11.60
C PRO A 110 18.55 -2.20 -12.02
N ARG A 111 18.55 -1.22 -12.91
CA ARG A 111 19.79 -0.68 -13.44
C ARG A 111 20.71 0.01 -12.43
N CYS A 112 20.14 0.54 -11.35
CA CYS A 112 20.97 1.22 -10.37
C CYS A 112 21.35 0.33 -9.19
N SER A 113 21.19 -0.98 -9.36
CA SER A 113 21.56 -1.95 -8.32
C SER A 113 23.04 -1.73 -7.99
N ALA A 114 23.38 -1.75 -6.71
CA ALA A 114 24.75 -1.52 -6.29
C ALA A 114 25.35 -2.59 -5.37
N GLU A 115 24.68 -2.85 -4.25
CA GLU A 115 25.19 -3.83 -3.29
C GLU A 115 24.11 -4.78 -2.79
N ALA A 116 24.55 -5.89 -2.22
CA ALA A 116 23.63 -6.87 -1.66
C ALA A 116 24.30 -7.55 -0.47
N HIS A 117 23.56 -7.67 0.63
CA HIS A 117 24.07 -8.29 1.84
C HIS A 117 23.05 -9.24 2.40
N MET A 118 23.52 -10.33 3.00
CA MET A 118 22.61 -11.30 3.60
C MET A 118 23.31 -11.99 4.75
N GLU A 119 22.59 -12.15 5.86
CA GLU A 119 23.12 -12.81 7.04
C GLU A 119 23.32 -14.29 6.73
N PRO A 120 24.35 -14.90 7.33
CA PRO A 120 24.55 -16.33 7.07
C PRO A 120 23.47 -17.12 7.79
N VAL A 121 22.56 -17.70 7.01
CA VAL A 121 21.47 -18.48 7.57
C VAL A 121 21.29 -19.75 6.76
N PRO A 122 21.39 -20.91 7.43
CA PRO A 122 21.23 -22.21 6.78
C PRO A 122 19.99 -22.29 5.90
N GLY A 123 20.17 -22.54 4.61
CA GLY A 123 19.05 -22.66 3.70
C GLY A 123 18.45 -21.38 3.12
N LEU A 124 18.93 -20.22 3.57
CA LEU A 124 18.41 -18.94 3.08
C LEU A 124 19.30 -18.39 1.97
N ALA A 125 18.69 -17.85 0.92
CA ALA A 125 19.46 -17.28 -0.18
C ALA A 125 18.67 -16.22 -0.92
N TRP A 126 19.41 -15.27 -1.50
CA TRP A 126 18.84 -14.19 -2.28
C TRP A 126 18.45 -14.79 -3.62
N GLN A 127 17.17 -14.66 -3.99
CA GLN A 127 16.75 -15.17 -5.27
C GLN A 127 17.55 -14.33 -6.27
N ALA A 128 18.38 -14.98 -7.08
CA ALA A 128 19.22 -14.29 -8.06
C ALA A 128 18.50 -13.11 -8.72
N ALA A 129 19.15 -11.96 -8.71
CA ALA A 129 18.60 -10.73 -9.30
C ALA A 129 17.16 -10.48 -8.85
N SER A 130 16.89 -10.72 -7.56
CA SER A 130 15.55 -10.53 -7.04
C SER A 130 15.55 -10.04 -5.59
N VAL A 131 14.44 -9.44 -5.17
CA VAL A 131 14.32 -8.96 -3.80
C VAL A 131 13.64 -10.01 -2.94
N ASN A 132 13.22 -11.11 -3.57
CA ASN A 132 12.57 -12.18 -2.84
C ASN A 132 13.56 -13.10 -2.14
N LEU A 133 13.10 -13.71 -1.06
CA LEU A 133 13.92 -14.63 -0.28
C LEU A 133 13.55 -16.06 -0.65
N GLU A 134 14.55 -16.92 -0.74
CA GLU A 134 14.31 -18.32 -1.04
C GLU A 134 14.75 -19.19 0.13
N PHE A 135 13.91 -20.16 0.47
CA PHE A 135 14.18 -21.09 1.57
C PHE A 135 14.32 -22.51 1.00
N ARG A 136 15.50 -23.09 1.17
CA ARG A 136 15.77 -24.44 0.67
C ARG A 136 15.75 -25.42 1.85
N ASP A 137 15.09 -26.56 1.66
CA ASP A 137 14.98 -27.57 2.71
C ASP A 137 14.58 -26.87 4.01
N ALA A 138 13.56 -26.03 3.92
CA ALA A 138 13.04 -25.26 5.04
C ALA A 138 12.85 -26.10 6.30
N SER A 139 13.16 -25.51 7.45
CA SER A 139 13.01 -26.21 8.72
C SER A 139 12.38 -25.24 9.72
N PRO A 140 11.95 -25.75 10.89
CA PRO A 140 11.34 -24.89 11.89
C PRO A 140 12.18 -23.66 12.29
N GLN A 141 13.50 -23.75 12.06
CA GLN A 141 14.39 -22.64 12.41
C GLN A 141 14.09 -21.38 11.59
N HIS A 142 13.44 -21.57 10.43
CA HIS A 142 13.11 -20.45 9.55
C HIS A 142 11.80 -19.75 9.88
N SER A 143 11.00 -20.35 10.76
CA SER A 143 9.72 -19.77 11.12
C SER A 143 9.84 -18.45 11.86
N GLY A 144 9.01 -17.48 11.49
CA GLY A 144 9.04 -16.20 12.16
C GLY A 144 8.27 -15.13 11.41
N LEU A 145 8.36 -13.91 11.89
CA LEU A 145 7.68 -12.79 11.25
C LEU A 145 8.71 -12.01 10.45
N TYR A 146 8.48 -11.93 9.15
CA TYR A 146 9.39 -11.21 8.25
C TYR A 146 8.75 -9.92 7.76
N LEU A 147 9.55 -8.85 7.73
CA LEU A 147 9.10 -7.57 7.22
C LEU A 147 10.03 -7.15 6.09
N CYS A 148 9.44 -6.65 5.02
CA CYS A 148 10.21 -6.16 3.89
C CYS A 148 9.97 -4.66 3.91
N VAL A 149 11.03 -3.88 4.06
CA VAL A 149 10.91 -2.43 4.12
C VAL A 149 11.71 -1.76 3.00
N VAL A 150 11.08 -0.82 2.31
CA VAL A 150 11.77 -0.13 1.23
C VAL A 150 12.07 1.32 1.59
N TYR A 151 13.35 1.64 1.60
CA TYR A 151 13.79 3.00 1.88
C TYR A 151 14.17 3.70 0.60
N VAL A 152 13.93 5.00 0.55
CA VAL A 152 14.31 5.85 -0.56
C VAL A 152 14.93 7.04 0.16
N ASN A 153 16.21 7.29 -0.11
CA ASN A 153 16.93 8.38 0.55
C ASN A 153 16.82 8.25 2.07
N ASP A 154 16.98 7.02 2.54
CA ASP A 154 16.95 6.70 3.97
C ASP A 154 15.62 6.91 4.71
N HIS A 155 14.52 6.96 3.96
CA HIS A 155 13.19 7.12 4.56
C HIS A 155 12.28 6.03 4.02
N ILE A 156 11.53 5.37 4.91
CA ILE A 156 10.64 4.31 4.47
C ILE A 156 9.55 4.81 3.52
N HIS A 157 9.47 4.21 2.34
CA HIS A 157 8.46 4.59 1.36
C HIS A 157 7.39 3.52 1.17
N ALA A 158 7.66 2.34 1.72
CA ALA A 158 6.70 1.23 1.65
C ALA A 158 7.20 0.10 2.53
N TRP A 159 6.28 -0.72 3.01
CA TRP A 159 6.66 -1.88 3.83
C TRP A 159 5.54 -2.89 3.84
N GLY A 160 5.90 -4.13 4.16
CA GLY A 160 4.90 -5.18 4.22
C GLY A 160 5.40 -6.27 5.14
N HIS A 161 4.51 -7.16 5.57
CA HIS A 161 4.91 -8.24 6.44
C HIS A 161 4.42 -9.59 5.91
N ILE A 162 5.19 -10.63 6.25
CA ILE A 162 4.86 -11.98 5.85
C ILE A 162 5.22 -12.91 7.00
N THR A 163 4.23 -13.64 7.51
CA THR A 163 4.52 -14.62 8.56
C THR A 163 4.85 -15.89 7.80
N ILE A 164 6.11 -16.29 7.89
CA ILE A 164 6.59 -17.48 7.21
C ILE A 164 6.88 -18.54 8.25
N SER A 165 6.09 -19.61 8.24
CA SER A 165 6.32 -20.64 9.24
C SER A 165 5.54 -21.93 9.05
N THR A 166 5.80 -22.87 9.94
CA THR A 166 5.11 -24.15 9.92
C THR A 166 3.78 -23.87 10.62
N ALA A 167 2.81 -24.76 10.43
CA ALA A 167 1.50 -24.59 11.04
C ALA A 167 1.55 -24.50 12.56
N ALA A 168 2.32 -25.38 13.18
CA ALA A 168 2.43 -25.44 14.64
C ALA A 168 3.02 -24.16 15.24
N GLN A 169 3.97 -23.56 14.55
CA GLN A 169 4.63 -22.35 15.04
C GLN A 169 3.93 -21.05 14.64
N TYR A 170 2.99 -21.15 13.71
CA TYR A 170 2.27 -19.99 13.23
C TYR A 170 1.50 -19.21 14.28
N ARG A 171 1.68 -17.90 14.27
CA ARG A 171 0.98 -16.99 15.17
C ARG A 171 0.54 -15.80 14.33
N ASN A 172 -0.73 -15.44 14.44
CA ASN A 172 -1.27 -14.31 13.69
C ASN A 172 -0.50 -13.03 13.99
N ALA A 173 -0.26 -12.22 12.95
CA ALA A 173 0.43 -10.96 13.11
C ALA A 173 -0.60 -9.84 12.96
N VAL A 174 -0.62 -8.92 13.91
CA VAL A 174 -1.56 -7.81 13.86
C VAL A 174 -0.80 -6.49 13.79
N VAL A 175 -1.25 -5.60 12.90
CA VAL A 175 -0.61 -4.31 12.76
C VAL A 175 -1.24 -3.31 13.70
N GLU A 176 -0.46 -2.81 14.66
CA GLU A 176 -0.95 -1.81 15.61
C GLU A 176 -0.73 -0.46 14.95
N GLN A 177 -1.82 0.21 14.61
CA GLN A 177 -1.75 1.49 13.94
C GLN A 177 -2.44 2.62 14.69
N PRO A 178 -2.01 3.87 14.45
CA PRO A 178 -2.66 4.99 15.13
C PRO A 178 -4.08 5.07 14.59
N LEU A 179 -4.92 5.92 15.18
CA LEU A 179 -6.29 6.05 14.72
C LEU A 179 -6.29 6.49 13.25
N ASP A 180 -7.30 6.06 12.50
CA ASP A 180 -7.37 6.42 11.09
C ASP A 180 -7.81 7.87 10.92
N ILE A 181 -7.93 8.32 9.67
CA ILE A 181 -8.30 9.70 9.42
C ILE A 181 -9.72 10.05 9.83
N GLU A 182 -10.48 9.06 10.28
CA GLU A 182 -11.84 9.31 10.73
C GLU A 182 -11.81 9.30 12.26
N GLY A 183 -10.61 9.17 12.80
CA GLY A 183 -10.42 9.16 14.24
C GLY A 183 -10.93 7.89 14.92
N ARG A 184 -10.90 6.79 14.19
CA ARG A 184 -11.38 5.52 14.73
C ARG A 184 -10.35 4.41 14.63
N GLY A 185 -9.93 3.89 15.79
CA GLY A 185 -8.95 2.83 15.81
C GLY A 185 -9.32 1.73 16.79
N VAL B 8 13.91 11.53 7.13
CA VAL B 8 12.52 11.15 7.52
C VAL B 8 11.66 12.40 7.76
N ARG B 9 10.94 12.80 6.72
CA ARG B 9 10.07 13.97 6.80
C ARG B 9 8.84 13.74 5.94
N GLY B 10 7.94 14.73 5.91
CA GLY B 10 6.74 14.58 5.12
C GLY B 10 5.66 13.77 5.80
N VAL B 11 4.77 13.19 4.98
CA VAL B 11 3.66 12.40 5.50
C VAL B 11 3.55 11.07 4.76
N THR B 12 3.19 10.03 5.50
CA THR B 12 2.98 8.71 4.91
C THR B 12 1.50 8.38 5.01
N VAL B 13 0.92 7.93 3.90
CA VAL B 13 -0.49 7.56 3.89
C VAL B 13 -0.61 6.11 3.48
N ARG B 14 -1.32 5.32 4.28
CA ARG B 14 -1.53 3.92 3.97
C ARG B 14 -3.02 3.67 3.81
N MET B 15 -3.38 2.94 2.76
CA MET B 15 -4.77 2.65 2.49
C MET B 15 -4.99 1.14 2.37
N GLU B 16 -6.09 0.67 2.93
CA GLU B 16 -6.43 -0.74 2.90
C GLU B 16 -7.89 -0.90 2.51
N THR B 17 -8.16 -1.79 1.57
CA THR B 17 -9.53 -2.06 1.13
C THR B 17 -9.59 -3.23 0.17
N PRO B 18 -10.67 -4.02 0.25
CA PRO B 18 -10.81 -5.17 -0.66
C PRO B 18 -10.89 -4.57 -2.07
N GLU B 19 -10.53 -5.34 -3.08
CA GLU B 19 -10.57 -4.82 -4.44
C GLU B 19 -11.92 -4.93 -5.11
N ALA B 20 -12.89 -5.53 -4.43
CA ALA B 20 -14.21 -5.68 -5.00
C ALA B 20 -15.31 -5.81 -3.97
N ILE B 21 -16.49 -5.30 -4.33
CA ILE B 21 -17.68 -5.38 -3.51
C ILE B 21 -18.79 -5.81 -4.46
N LEU B 22 -19.26 -7.04 -4.31
CA LEU B 22 -20.34 -7.52 -5.16
C LEU B 22 -21.63 -7.26 -4.39
N PHE B 23 -22.58 -6.60 -5.04
CA PHE B 23 -23.84 -6.30 -4.41
C PHE B 23 -25.00 -6.75 -5.26
N SER B 24 -26.17 -6.86 -4.65
CA SER B 24 -27.38 -7.27 -5.36
C SER B 24 -28.31 -6.06 -5.41
N PRO B 25 -29.16 -5.99 -6.44
CA PRO B 25 -30.08 -4.86 -6.56
C PRO B 25 -30.96 -4.78 -5.31
N GLY B 26 -31.14 -3.57 -4.78
CA GLY B 26 -31.96 -3.39 -3.59
C GLY B 26 -31.22 -3.41 -2.27
N GLU B 27 -29.94 -3.76 -2.32
CA GLU B 27 -29.09 -3.84 -1.14
C GLU B 27 -28.52 -2.49 -0.73
N THR B 28 -28.31 -2.30 0.57
CA THR B 28 -27.70 -1.07 1.08
C THR B 28 -26.38 -1.51 1.68
N PHE B 29 -25.31 -0.86 1.26
CA PHE B 29 -23.99 -1.20 1.76
C PHE B 29 -23.07 0.00 1.78
N SER B 30 -21.88 -0.19 2.34
CA SER B 30 -20.89 0.88 2.42
C SER B 30 -19.54 0.31 2.05
N THR B 31 -18.66 1.18 1.57
CA THR B 31 -17.30 0.76 1.26
C THR B 31 -16.63 0.65 2.63
N ASN B 32 -15.51 -0.04 2.69
CA ASN B 32 -14.81 -0.22 3.95
C ASN B 32 -13.33 0.10 3.78
N VAL B 33 -13.05 1.31 3.33
CA VAL B 33 -11.66 1.73 3.11
C VAL B 33 -11.08 2.26 4.42
N SER B 34 -9.85 1.84 4.71
CA SER B 34 -9.17 2.28 5.92
C SER B 34 -8.00 3.14 5.48
N ILE B 35 -7.95 4.38 5.98
CA ILE B 35 -6.87 5.28 5.60
C ILE B 35 -6.18 5.85 6.84
N HIS B 36 -4.87 5.68 6.91
CA HIS B 36 -4.08 6.17 8.03
C HIS B 36 -3.03 7.15 7.52
N ALA B 37 -2.87 8.25 8.25
CA ALA B 37 -1.88 9.26 7.87
C ALA B 37 -0.88 9.42 9.00
N ILE B 38 0.41 9.32 8.67
CA ILE B 38 1.45 9.45 9.67
C ILE B 38 2.34 10.65 9.33
N ALA B 39 2.32 11.66 10.20
CA ALA B 39 3.13 12.84 9.99
C ALA B 39 4.49 12.60 10.65
N HIS B 40 5.56 12.70 9.86
CA HIS B 40 6.90 12.46 10.37
C HIS B 40 7.60 13.67 10.97
N ASP B 41 7.04 14.85 10.73
CA ASP B 41 7.60 16.08 11.30
C ASP B 41 6.46 16.95 11.82
N ASP B 42 6.76 18.17 12.20
CA ASP B 42 5.73 19.06 12.73
C ASP B 42 5.20 20.05 11.69
N GLN B 43 5.46 19.76 10.42
CA GLN B 43 4.98 20.61 9.34
C GLN B 43 3.49 20.40 9.12
N THR B 44 2.79 21.47 8.74
CA THR B 44 1.36 21.35 8.48
C THR B 44 1.20 20.78 7.08
N TYR B 45 0.03 20.23 6.78
CA TYR B 45 -0.22 19.68 5.46
C TYR B 45 -1.69 19.70 5.14
N SER B 46 -2.01 19.68 3.85
CA SER B 46 -3.39 19.65 3.41
C SER B 46 -3.61 18.24 2.90
N MET B 47 -4.85 17.78 2.89
CA MET B 47 -5.15 16.45 2.40
C MET B 47 -6.49 16.46 1.70
N ASP B 48 -6.59 15.70 0.61
CA ASP B 48 -7.83 15.62 -0.16
C ASP B 48 -8.08 14.15 -0.47
N VAL B 49 -9.22 13.63 -0.04
CA VAL B 49 -9.56 12.24 -0.34
C VAL B 49 -10.56 12.33 -1.48
N VAL B 50 -10.16 11.81 -2.65
CA VAL B 50 -11.00 11.88 -3.84
C VAL B 50 -11.50 10.56 -4.39
N TRP B 51 -12.79 10.51 -4.69
CA TRP B 51 -13.38 9.32 -5.28
C TRP B 51 -13.63 9.57 -6.76
N LEU B 52 -13.26 8.60 -7.59
CA LEU B 52 -13.45 8.68 -9.03
C LEU B 52 -14.26 7.45 -9.43
N ARG B 53 -15.16 7.60 -10.39
CA ARG B 53 -16.01 6.50 -10.84
C ARG B 53 -15.85 6.30 -12.35
N PHE B 54 -15.77 5.04 -12.78
CA PHE B 54 -15.60 4.73 -14.19
C PHE B 54 -16.60 3.69 -14.66
N ASP B 55 -17.17 3.94 -15.83
CA ASP B 55 -18.13 3.01 -16.44
C ASP B 55 -17.30 1.81 -16.92
N VAL B 56 -17.88 0.61 -16.81
CA VAL B 56 -17.19 -0.60 -17.26
C VAL B 56 -18.08 -1.29 -18.30
N PRO B 57 -17.78 -1.07 -19.59
CA PRO B 57 -18.55 -1.65 -20.69
C PRO B 57 -18.67 -3.18 -20.62
N THR B 58 -19.84 -3.69 -21.00
CA THR B 58 -20.10 -5.11 -21.01
C THR B 58 -19.10 -5.85 -21.90
N SER B 59 -18.75 -5.23 -23.03
CA SER B 59 -17.82 -5.81 -23.99
C SER B 59 -16.38 -5.93 -23.50
N CYS B 60 -16.05 -5.20 -22.43
CA CYS B 60 -14.69 -5.26 -21.88
C CYS B 60 -14.47 -6.56 -21.12
N ALA B 61 -13.37 -7.24 -21.41
CA ALA B 61 -13.06 -8.49 -20.71
C ALA B 61 -12.50 -8.11 -19.35
N GLU B 62 -11.89 -6.93 -19.27
CA GLU B 62 -11.31 -6.41 -18.04
C GLU B 62 -11.09 -4.91 -18.16
N MET B 63 -11.01 -4.23 -17.01
CA MET B 63 -10.80 -2.79 -16.97
C MET B 63 -9.34 -2.55 -16.61
N ARG B 64 -8.66 -1.72 -17.41
CA ARG B 64 -7.26 -1.43 -17.15
C ARG B 64 -7.07 -0.05 -16.52
N ILE B 65 -6.37 -0.04 -15.39
CA ILE B 65 -6.09 1.20 -14.69
C ILE B 65 -4.67 1.66 -15.03
N TYR B 66 -4.56 2.80 -15.69
CA TYR B 66 -3.24 3.33 -16.06
C TYR B 66 -2.67 4.05 -14.83
N GLU B 67 -1.93 3.31 -14.01
CA GLU B 67 -1.36 3.87 -12.80
C GLU B 67 -0.59 5.17 -12.99
N SER B 68 0.35 5.19 -13.94
CA SER B 68 1.14 6.39 -14.19
C SER B 68 0.26 7.59 -14.51
N CYS B 69 -0.84 7.33 -15.22
CA CYS B 69 -1.75 8.39 -15.58
C CYS B 69 -2.43 9.08 -14.40
N LEU B 70 -2.58 8.36 -13.30
CA LEU B 70 -3.23 8.93 -12.13
C LEU B 70 -2.50 10.19 -11.66
N TYR B 71 -1.17 10.17 -11.75
CA TYR B 71 -0.38 11.32 -11.32
C TYR B 71 -0.37 12.44 -12.36
N HIS B 72 -0.64 12.10 -13.62
CA HIS B 72 -0.65 13.07 -14.70
C HIS B 72 -1.81 12.78 -15.66
N PRO B 73 -3.06 12.93 -15.18
CA PRO B 73 -4.26 12.67 -15.99
C PRO B 73 -4.50 13.65 -17.14
N GLN B 74 -3.61 14.62 -17.30
CA GLN B 74 -3.73 15.62 -18.37
C GLN B 74 -2.84 15.28 -19.56
N LEU B 75 -2.02 14.23 -19.43
CA LEU B 75 -1.14 13.82 -20.51
C LEU B 75 -1.93 13.27 -21.70
N PRO B 76 -1.44 13.50 -22.92
CA PRO B 76 -2.08 13.04 -24.16
C PRO B 76 -2.49 11.56 -24.15
N GLU B 77 -1.54 10.69 -23.83
CA GLU B 77 -1.80 9.25 -23.81
C GLU B 77 -2.77 8.86 -22.70
N CYS B 78 -2.99 9.76 -21.76
CA CYS B 78 -3.90 9.50 -20.66
C CYS B 78 -5.30 9.97 -21.00
N LEU B 79 -5.38 11.10 -21.70
CA LEU B 79 -6.67 11.66 -22.11
C LEU B 79 -7.33 10.78 -23.17
N SER B 80 -6.50 10.14 -24.00
CA SER B 80 -6.99 9.23 -25.04
C SER B 80 -6.31 7.88 -24.87
N PRO B 81 -6.71 7.10 -23.86
CA PRO B 81 -6.12 5.79 -23.61
C PRO B 81 -6.24 4.82 -24.78
N ALA B 82 -5.14 4.16 -25.11
CA ALA B 82 -5.10 3.20 -26.20
C ALA B 82 -6.14 2.10 -26.02
N ASP B 83 -6.31 1.64 -24.77
CA ASP B 83 -7.29 0.61 -24.47
C ASP B 83 -8.69 1.24 -24.46
N ALA B 84 -8.75 2.41 -25.09
CA ALA B 84 -9.93 3.26 -25.26
C ALA B 84 -11.18 3.08 -24.41
N PRO B 85 -12.00 2.05 -24.68
CA PRO B 85 -13.20 1.92 -23.84
C PRO B 85 -13.01 1.21 -22.50
N CYS B 86 -11.98 0.38 -22.42
CA CYS B 86 -11.72 -0.40 -21.22
C CYS B 86 -10.55 0.10 -20.37
N ALA B 87 -10.41 1.41 -20.24
CA ALA B 87 -9.31 1.96 -19.45
C ALA B 87 -9.68 3.14 -18.55
N ALA B 88 -9.08 3.16 -17.36
CA ALA B 88 -9.29 4.23 -16.40
C ALA B 88 -7.95 4.96 -16.36
N SER B 89 -7.87 6.09 -17.07
CA SER B 89 -6.63 6.84 -17.15
C SER B 89 -6.78 8.33 -16.91
N THR B 90 -8.03 8.81 -16.94
CA THR B 90 -8.28 10.23 -16.73
C THR B 90 -9.71 10.42 -16.24
N TRP B 91 -10.04 11.65 -15.86
CA TRP B 91 -11.37 11.94 -15.37
C TRP B 91 -11.71 13.42 -15.54
N THR B 92 -13.00 13.72 -15.56
CA THR B 92 -13.45 15.10 -15.71
C THR B 92 -14.11 15.52 -14.41
N SER B 93 -15.09 14.75 -13.99
CA SER B 93 -15.79 15.03 -12.75
C SER B 93 -15.36 14.05 -11.67
N ARG B 94 -15.30 14.53 -10.44
CA ARG B 94 -14.93 13.71 -9.30
C ARG B 94 -16.23 13.38 -8.55
N LEU B 95 -16.45 12.10 -8.31
CA LEU B 95 -17.65 11.64 -7.61
C LEU B 95 -17.81 12.29 -6.24
N ALA B 96 -16.71 12.42 -5.50
CA ALA B 96 -16.74 13.03 -4.18
C ALA B 96 -15.35 13.47 -3.78
N VAL B 97 -15.28 14.43 -2.87
CA VAL B 97 -13.99 14.93 -2.39
C VAL B 97 -14.15 15.43 -0.96
N ARG B 98 -13.32 14.93 -0.06
CA ARG B 98 -13.35 15.42 1.31
C ARG B 98 -11.98 16.04 1.52
N SER B 99 -11.98 17.33 1.85
CA SER B 99 -10.75 18.07 2.03
C SER B 99 -10.42 18.42 3.48
N TYR B 100 -9.14 18.43 3.79
CA TYR B 100 -8.65 18.76 5.11
C TYR B 100 -7.55 19.80 4.95
N ALA B 101 -7.44 20.72 5.89
CA ALA B 101 -6.40 21.75 5.81
C ALA B 101 -5.83 22.05 7.18
N GLY B 102 -4.54 22.36 7.23
CA GLY B 102 -3.90 22.67 8.49
C GLY B 102 -3.66 21.44 9.34
N CYS B 103 -3.59 20.28 8.69
CA CYS B 103 -3.35 19.03 9.41
C CYS B 103 -1.90 18.97 9.89
N SER B 104 -1.65 18.21 10.94
CA SER B 104 -0.31 18.05 11.48
C SER B 104 -0.32 16.97 12.55
N ARG B 105 0.85 16.66 13.10
CA ARG B 105 0.99 15.65 14.14
C ARG B 105 0.08 15.95 15.33
N THR B 106 0.00 17.23 15.70
CA THR B 106 -0.81 17.65 16.83
C THR B 106 -2.24 18.04 16.47
N ASN B 107 -2.52 18.08 15.17
CA ASN B 107 -3.86 18.41 14.67
C ASN B 107 -4.19 17.42 13.57
N PRO B 108 -4.27 16.12 13.92
CA PRO B 108 -4.56 14.97 13.03
C PRO B 108 -5.84 15.07 12.20
N PRO B 109 -5.75 14.61 10.93
CA PRO B 109 -6.80 14.58 9.91
C PRO B 109 -8.24 14.81 10.34
N PRO B 110 -8.75 13.99 11.28
CA PRO B 110 -10.14 14.25 11.66
C PRO B 110 -10.37 15.73 12.02
N ARG B 111 -9.56 16.22 12.93
CA ARG B 111 -9.67 17.60 13.41
C ARG B 111 -9.48 18.68 12.35
N CYS B 112 -8.69 18.38 11.33
CA CYS B 112 -8.42 19.36 10.27
C CYS B 112 -9.39 19.32 9.10
N SER B 113 -10.52 18.64 9.28
CA SER B 113 -11.54 18.56 8.24
C SER B 113 -11.90 19.98 7.83
N ALA B 114 -12.03 20.22 6.53
CA ALA B 114 -12.33 21.56 6.03
C ALA B 114 -13.58 21.68 5.18
N GLU B 115 -13.57 21.07 4.00
CA GLU B 115 -14.71 21.12 3.10
C GLU B 115 -14.98 19.75 2.51
N ALA B 116 -16.15 19.58 1.91
CA ALA B 116 -16.48 18.31 1.30
C ALA B 116 -17.52 18.52 0.21
N HIS B 117 -17.44 17.71 -0.83
CA HIS B 117 -18.36 17.79 -1.96
C HIS B 117 -18.69 16.39 -2.44
N MET B 118 -19.90 16.22 -2.96
CA MET B 118 -20.33 14.93 -3.50
C MET B 118 -21.30 15.19 -4.63
N GLU B 119 -21.13 14.47 -5.74
CA GLU B 119 -22.03 14.63 -6.87
C GLU B 119 -23.38 14.03 -6.53
N PRO B 120 -24.46 14.61 -7.07
CA PRO B 120 -25.80 14.09 -6.78
C PRO B 120 -25.97 12.79 -7.57
N VAL B 121 -26.10 11.69 -6.82
CA VAL B 121 -26.27 10.36 -7.40
C VAL B 121 -27.34 9.62 -6.61
N PRO B 122 -28.29 8.95 -7.30
CA PRO B 122 -29.35 8.24 -6.60
C PRO B 122 -28.80 7.26 -5.55
N GLY B 123 -29.25 7.42 -4.31
CA GLY B 123 -28.82 6.53 -3.24
C GLY B 123 -27.41 6.67 -2.72
N LEU B 124 -26.61 7.58 -3.29
CA LEU B 124 -25.23 7.76 -2.83
C LEU B 124 -25.14 8.73 -1.66
N ALA B 125 -24.30 8.41 -0.68
CA ALA B 125 -24.14 9.27 0.48
C ALA B 125 -22.92 8.87 1.30
N TRP B 126 -22.61 9.67 2.31
CA TRP B 126 -21.53 9.33 3.22
C TRP B 126 -21.79 9.92 4.59
N GLN B 127 -21.26 9.27 5.61
CA GLN B 127 -21.43 9.74 6.99
C GLN B 127 -20.64 11.02 7.18
N ALA B 128 -21.06 11.84 8.14
CA ALA B 128 -20.35 13.08 8.41
C ALA B 128 -18.92 12.71 8.77
N ALA B 129 -17.97 13.51 8.27
CA ALA B 129 -16.55 13.31 8.53
C ALA B 129 -16.01 11.95 8.06
N SER B 130 -16.75 11.25 7.21
CA SER B 130 -16.31 9.95 6.72
C SER B 130 -15.95 10.00 5.24
N VAL B 131 -15.04 9.13 4.82
CA VAL B 131 -14.63 9.09 3.42
C VAL B 131 -15.22 7.87 2.71
N ASN B 132 -15.85 6.99 3.47
CA ASN B 132 -16.46 5.80 2.86
C ASN B 132 -17.76 6.18 2.18
N LEU B 133 -18.06 5.51 1.07
CA LEU B 133 -19.28 5.75 0.32
C LEU B 133 -20.36 4.75 0.69
N GLU B 134 -21.59 5.23 0.78
CA GLU B 134 -22.71 4.35 1.08
C GLU B 134 -23.66 4.37 -0.10
N PHE B 135 -24.12 3.18 -0.48
CA PHE B 135 -25.06 3.03 -1.58
C PHE B 135 -26.34 2.48 -0.95
N ARG B 136 -27.37 3.32 -0.92
CA ARG B 136 -28.67 2.93 -0.37
C ARG B 136 -29.54 2.47 -1.54
N ASP B 137 -30.21 1.33 -1.39
CA ASP B 137 -31.06 0.79 -2.45
C ASP B 137 -30.25 0.75 -3.77
N ALA B 138 -29.12 0.06 -3.74
CA ALA B 138 -28.27 -0.04 -4.91
C ALA B 138 -28.96 -0.70 -6.11
N SER B 139 -28.50 -0.36 -7.31
CA SER B 139 -29.05 -0.92 -8.54
C SER B 139 -27.92 -1.12 -9.54
N PRO B 140 -28.18 -1.81 -10.66
CA PRO B 140 -27.15 -2.06 -11.67
C PRO B 140 -26.56 -0.74 -12.17
N GLN B 141 -27.27 0.36 -11.93
CA GLN B 141 -26.80 1.67 -12.35
C GLN B 141 -25.50 2.08 -11.62
N HIS B 142 -25.32 1.55 -10.41
CA HIS B 142 -24.13 1.87 -9.60
C HIS B 142 -22.89 1.06 -9.91
N SER B 143 -23.05 -0.03 -10.67
CA SER B 143 -21.91 -0.88 -11.00
C SER B 143 -20.82 -0.15 -11.77
N GLY B 144 -19.57 -0.38 -11.38
CA GLY B 144 -18.45 0.24 -12.06
C GLY B 144 -17.15 0.16 -11.28
N LEU B 145 -16.13 0.83 -11.78
CA LEU B 145 -14.82 0.84 -11.13
C LEU B 145 -14.67 2.16 -10.37
N TYR B 146 -14.39 2.05 -9.08
CA TYR B 146 -14.22 3.23 -8.23
C TYR B 146 -12.80 3.30 -7.70
N LEU B 147 -12.21 4.48 -7.77
CA LEU B 147 -10.87 4.68 -7.27
C LEU B 147 -10.92 5.69 -6.12
N CYS B 148 -10.18 5.41 -5.05
CA CYS B 148 -10.10 6.31 -3.91
C CYS B 148 -8.66 6.80 -3.95
N VAL B 149 -8.48 8.11 -4.15
CA VAL B 149 -7.15 8.70 -4.25
C VAL B 149 -6.91 9.70 -3.13
N VAL B 150 -5.80 9.54 -2.42
CA VAL B 150 -5.48 10.45 -1.33
C VAL B 150 -4.31 11.37 -1.65
N TYR B 151 -4.60 12.67 -1.70
CA TYR B 151 -3.58 13.67 -1.96
C TYR B 151 -3.14 14.31 -0.65
N VAL B 152 -1.86 14.60 -0.55
CA VAL B 152 -1.29 15.30 0.60
C VAL B 152 -0.48 16.40 -0.05
N ASN B 153 -0.77 17.65 0.32
CA ASN B 153 -0.10 18.80 -0.28
C ASN B 153 -0.16 18.72 -1.81
N ASP B 154 -1.35 18.39 -2.31
CA ASP B 154 -1.62 18.30 -3.75
C ASP B 154 -0.87 17.24 -4.55
N HIS B 155 -0.36 16.21 -3.87
CA HIS B 155 0.36 15.13 -4.54
C HIS B 155 -0.19 13.80 -4.05
N ILE B 156 -0.46 12.88 -4.96
CA ILE B 156 -0.99 11.58 -4.56
C ILE B 156 -0.01 10.84 -3.64
N HIS B 157 -0.49 10.45 -2.46
CA HIS B 157 0.33 9.72 -1.49
C HIS B 157 -0.13 8.28 -1.34
N ALA B 158 -1.34 8.01 -1.79
CA ALA B 158 -1.89 6.66 -1.73
C ALA B 158 -3.14 6.61 -2.58
N TRP B 159 -3.44 5.42 -3.10
CA TRP B 159 -4.63 5.24 -3.90
C TRP B 159 -4.98 3.77 -3.93
N GLY B 160 -6.24 3.50 -4.25
CA GLY B 160 -6.70 2.12 -4.31
C GLY B 160 -7.90 2.05 -5.23
N HIS B 161 -8.26 0.84 -5.64
CA HIS B 161 -9.40 0.66 -6.51
C HIS B 161 -10.34 -0.36 -5.94
N ILE B 162 -11.63 -0.17 -6.18
CA ILE B 162 -12.66 -1.09 -5.74
C ILE B 162 -13.67 -1.23 -6.87
N THR B 163 -13.87 -2.46 -7.34
CA THR B 163 -14.87 -2.67 -8.37
C THR B 163 -16.15 -2.97 -7.58
N ILE B 164 -17.09 -2.04 -7.63
CA ILE B 164 -18.36 -2.14 -6.93
C ILE B 164 -19.39 -2.46 -8.01
N SER B 165 -19.85 -3.69 -8.02
CA SER B 165 -20.75 -4.11 -9.09
C SER B 165 -21.61 -5.32 -8.76
N THR B 166 -22.63 -5.54 -9.59
CA THR B 166 -23.47 -6.72 -9.42
C THR B 166 -22.57 -7.81 -10.00
N ALA B 167 -22.84 -9.06 -9.66
CA ALA B 167 -22.02 -10.16 -10.16
C ALA B 167 -22.05 -10.22 -11.70
N ALA B 168 -23.23 -10.06 -12.28
CA ALA B 168 -23.39 -10.11 -13.73
C ALA B 168 -22.59 -9.07 -14.50
N GLN B 169 -22.42 -7.89 -13.91
CA GLN B 169 -21.70 -6.80 -14.55
C GLN B 169 -20.22 -6.74 -14.20
N TYR B 170 -19.80 -7.58 -13.25
CA TYR B 170 -18.42 -7.58 -12.80
C TYR B 170 -17.36 -7.89 -13.86
N ARG B 171 -16.34 -7.06 -13.91
CA ARG B 171 -15.21 -7.24 -14.82
C ARG B 171 -13.96 -6.98 -13.98
N ASN B 172 -12.98 -7.87 -14.10
CA ASN B 172 -11.73 -7.72 -13.36
C ASN B 172 -11.00 -6.42 -13.68
N ALA B 173 -10.46 -5.78 -12.64
CA ALA B 173 -9.71 -4.56 -12.82
C ALA B 173 -8.23 -4.93 -12.79
N VAL B 174 -7.49 -4.51 -13.81
CA VAL B 174 -6.07 -4.80 -13.90
C VAL B 174 -5.28 -3.50 -13.85
N VAL B 175 -4.25 -3.47 -13.01
CA VAL B 175 -3.43 -2.28 -12.90
C VAL B 175 -2.25 -2.35 -13.86
N GLU B 176 -2.24 -1.45 -14.83
CA GLU B 176 -1.16 -1.36 -15.79
C GLU B 176 -0.09 -0.49 -15.14
N GLN B 177 0.95 -1.12 -14.61
CA GLN B 177 2.01 -0.36 -13.97
C GLN B 177 3.33 -0.48 -14.72
N PRO B 178 4.26 0.44 -14.47
CA PRO B 178 5.56 0.38 -15.14
C PRO B 178 6.28 -0.87 -14.66
N LEU B 179 7.44 -1.15 -15.23
CA LEU B 179 8.21 -2.33 -14.84
C LEU B 179 8.48 -2.25 -13.33
N ASP B 180 8.55 -3.40 -12.66
CA ASP B 180 8.83 -3.39 -11.23
C ASP B 180 10.33 -3.18 -11.00
N ILE B 181 10.76 -3.14 -9.73
CA ILE B 181 12.17 -2.88 -9.47
C ILE B 181 13.12 -3.98 -9.91
N GLU B 182 12.56 -5.10 -10.36
CA GLU B 182 13.38 -6.20 -10.87
C GLU B 182 13.40 -6.12 -12.39
N GLY B 183 12.72 -5.10 -12.92
CA GLY B 183 12.65 -4.90 -14.36
C GLY B 183 11.64 -5.79 -15.05
N ARG B 184 10.70 -6.34 -14.28
CA ARG B 184 9.67 -7.22 -14.81
C ARG B 184 8.38 -6.50 -15.13
N GLY B 185 7.74 -6.93 -16.22
CA GLY B 185 6.49 -6.33 -16.65
C GLY B 185 5.39 -7.37 -16.78
#